data_2O2F
#
_entry.id   2O2F
#
loop_
_entity.id
_entity.type
_entity.pdbx_description
1 polymer 'Apoptosis regulator Bcl-2'
2 non-polymer 4-(4-BENZYL-4-METHOXYPIPERIDIN-1-YL)-N-[(4-{[1,1-DIMETHYL-2-(PHENYLTHIO)ETHYL]AMINO}-3-NITROPHENYL)SULFONYL]BENZAMIDE
#
_entity_poly.entity_id   1
_entity_poly.type   'polypeptide(L)'
_entity_poly.pdbx_seq_one_letter_code
;GYDNREIVMKYIHYKLSQRGYEWDEVVHLTLRQAGDDFSRRYRRDFAEMSSQLHLTPFTARGRFATVVEELFRDGVNWGR
IVAFFEFGGVMCVESVNREMSPLVDNIALWMTEYLNRHLHTWIQDNGGWDAFVELYGP
;
_entity_poly.pdbx_strand_id   A
#
loop_
_chem_comp.id
_chem_comp.type
_chem_comp.name
_chem_comp.formula
LI0 non-polymer 4-(4-BENZYL-4-METHOXYPIPERIDIN-1-YL)-N-[(4-{[1,1-DIMETHYL-2-(PHENYLTHIO)ETHYL]AMINO}-3-NITROPHENYL)SULFONYL]BENZAMIDE 'C36 H40 N4 O6 S2'
#
# COMPACT_ATOMS: atom_id res chain seq x y z
N GLY A 1 10.97 16.57 -6.66
CA GLY A 1 10.13 15.74 -7.57
C GLY A 1 9.49 14.57 -6.86
N TYR A 2 8.22 14.31 -7.18
CA TYR A 2 7.49 13.21 -6.55
C TYR A 2 6.83 12.34 -7.62
N ASP A 3 7.02 11.03 -7.50
CA ASP A 3 6.42 10.08 -8.45
C ASP A 3 5.62 9.02 -7.72
N ASN A 4 4.35 8.88 -8.07
CA ASN A 4 3.47 7.89 -7.45
C ASN A 4 3.88 6.48 -7.84
N ARG A 5 4.39 6.34 -9.06
CA ARG A 5 4.82 5.04 -9.57
C ARG A 5 6.19 4.67 -9.01
N GLU A 6 7.08 5.65 -8.95
CA GLU A 6 8.43 5.42 -8.43
C GLU A 6 8.38 4.99 -6.96
N ILE A 7 7.41 5.51 -6.23
CA ILE A 7 7.25 5.19 -4.82
C ILE A 7 6.50 3.88 -4.63
N VAL A 8 5.51 3.64 -5.48
CA VAL A 8 4.70 2.43 -5.40
C VAL A 8 5.50 1.18 -5.77
N MET A 9 6.42 1.32 -6.71
CA MET A 9 7.24 0.19 -7.16
C MET A 9 8.44 -0.03 -6.25
N LYS A 10 8.88 1.02 -5.57
CA LYS A 10 10.04 0.92 -4.68
C LYS A 10 9.61 0.69 -3.23
N TYR A 11 8.42 1.15 -2.88
CA TYR A 11 7.92 0.99 -1.52
C TYR A 11 7.59 -0.47 -1.19
N ILE A 12 7.62 -1.35 -2.20
CA ILE A 12 7.33 -2.76 -1.97
C ILE A 12 8.61 -3.56 -1.75
N HIS A 13 9.61 -2.91 -1.16
CA HIS A 13 10.88 -3.57 -0.88
C HIS A 13 10.94 -4.04 0.56
N TYR A 14 10.50 -3.19 1.48
CA TYR A 14 10.50 -3.53 2.90
C TYR A 14 9.43 -4.57 3.22
N LYS A 15 8.38 -4.60 2.41
CA LYS A 15 7.29 -5.55 2.61
C LYS A 15 7.64 -6.92 2.06
N LEU A 16 8.59 -6.99 1.13
CA LEU A 16 8.99 -8.25 0.54
C LEU A 16 10.39 -8.67 0.99
N SER A 17 11.32 -7.72 0.99
CA SER A 17 12.69 -8.00 1.40
C SER A 17 12.71 -8.75 2.73
N GLN A 18 11.86 -8.32 3.65
CA GLN A 18 11.77 -8.95 4.96
C GLN A 18 11.67 -10.47 4.82
N ARG A 19 11.04 -10.90 3.73
CA ARG A 19 10.87 -12.32 3.45
C ARG A 19 11.87 -12.78 2.39
N GLY A 20 12.23 -11.86 1.48
CA GLY A 20 13.18 -12.18 0.43
C GLY A 20 12.82 -11.53 -0.89
N TYR A 21 13.42 -10.37 -1.17
CA TYR A 21 13.15 -9.67 -2.41
C TYR A 21 14.23 -8.63 -2.70
N GLU A 22 13.94 -7.69 -3.61
CA GLU A 22 14.90 -6.66 -3.98
C GLU A 22 14.25 -5.27 -4.02
N TRP A 23 14.94 -4.31 -4.62
CA TRP A 23 14.47 -2.92 -4.75
C TRP A 23 14.58 -2.16 -3.43
N ASP A 24 14.35 -0.85 -3.50
CA ASP A 24 14.43 0.02 -2.33
C ASP A 24 14.11 1.47 -2.71
N GLU A 25 13.43 2.17 -1.81
CA GLU A 25 13.06 3.57 -2.06
C GLU A 25 13.80 4.52 -1.13
N VAL A 26 13.75 5.81 -1.43
CA VAL A 26 14.43 6.81 -0.61
C VAL A 26 13.49 7.48 0.38
N VAL A 27 12.26 7.72 -0.05
CA VAL A 27 11.25 8.35 0.80
C VAL A 27 10.55 7.33 1.71
N HIS A 28 10.89 6.05 1.57
CA HIS A 28 10.28 5.01 2.38
C HIS A 28 10.42 5.31 3.86
N LEU A 29 11.47 6.04 4.23
CA LEU A 29 11.71 6.39 5.63
C LEU A 29 10.45 6.92 6.29
N THR A 30 9.61 7.60 5.51
CA THR A 30 8.37 8.16 6.03
C THR A 30 7.26 7.11 6.06
N LEU A 31 6.82 6.68 4.89
CA LEU A 31 5.77 5.69 4.77
C LEU A 31 6.08 4.46 5.63
N ARG A 32 7.36 4.15 5.77
CA ARG A 32 7.80 3.00 6.56
C ARG A 32 7.43 3.19 8.03
N GLN A 33 8.09 4.13 8.69
CA GLN A 33 7.84 4.41 10.09
C GLN A 33 6.35 4.51 10.38
N ALA A 34 5.61 5.05 9.41
CA ALA A 34 4.16 5.21 9.55
C ALA A 34 3.45 3.88 9.31
N GLY A 35 4.01 3.06 8.44
CA GLY A 35 3.41 1.77 8.14
C GLY A 35 3.71 0.73 9.22
N ASP A 36 4.97 0.64 9.61
CA ASP A 36 5.39 -0.32 10.63
C ASP A 36 4.56 -0.15 11.90
N ASP A 37 4.46 1.07 12.37
CA ASP A 37 3.69 1.36 13.59
C ASP A 37 2.22 0.98 13.41
N PHE A 38 1.73 1.12 12.19
CA PHE A 38 0.34 0.79 11.89
C PHE A 38 0.09 -0.71 12.03
N SER A 39 0.85 -1.50 11.26
CA SER A 39 0.73 -2.95 11.29
C SER A 39 0.70 -3.47 12.73
N ARG A 40 1.56 -2.90 13.57
CA ARG A 40 1.64 -3.30 14.97
C ARG A 40 0.40 -2.88 15.74
N ARG A 41 0.08 -1.59 15.67
CA ARG A 41 -1.09 -1.05 16.36
C ARG A 41 -2.37 -1.72 15.87
N TYR A 42 -2.63 -1.59 14.57
CA TYR A 42 -3.82 -2.19 13.97
C TYR A 42 -3.49 -3.51 13.29
N ARG A 43 -2.87 -4.42 14.04
CA ARG A 43 -2.49 -5.72 13.50
C ARG A 43 -3.71 -6.63 13.35
N ARG A 44 -4.57 -6.62 14.37
CA ARG A 44 -5.78 -7.44 14.35
C ARG A 44 -6.78 -6.89 13.34
N ASP A 45 -7.07 -5.60 13.44
CA ASP A 45 -8.03 -4.97 12.54
C ASP A 45 -7.60 -5.16 11.09
N PHE A 46 -6.30 -5.18 10.85
CA PHE A 46 -5.76 -5.36 9.51
C PHE A 46 -5.89 -6.81 9.07
N ALA A 47 -5.44 -7.72 9.93
CA ALA A 47 -5.50 -9.16 9.63
C ALA A 47 -6.94 -9.59 9.37
N GLU A 48 -7.87 -9.07 10.16
CA GLU A 48 -9.27 -9.40 10.02
C GLU A 48 -9.79 -9.00 8.64
N MET A 49 -9.34 -7.85 8.16
CA MET A 49 -9.75 -7.35 6.85
C MET A 49 -9.08 -8.16 5.73
N SER A 50 -7.85 -8.60 5.98
CA SER A 50 -7.11 -9.38 5.01
C SER A 50 -7.77 -10.73 4.77
N SER A 51 -8.16 -11.40 5.86
CA SER A 51 -8.80 -12.70 5.76
C SER A 51 -10.10 -12.61 4.97
N GLN A 52 -10.84 -11.52 5.16
CA GLN A 52 -12.10 -11.31 4.45
C GLN A 52 -11.90 -11.42 2.95
N LEU A 53 -10.91 -10.71 2.44
CA LEU A 53 -10.61 -10.73 1.01
C LEU A 53 -10.23 -12.14 0.54
N HIS A 54 -9.63 -12.91 1.43
CA HIS A 54 -9.21 -14.27 1.12
C HIS A 54 -10.41 -15.20 1.02
N LEU A 55 -11.46 -14.90 1.79
CA LEU A 55 -12.67 -15.71 1.78
C LEU A 55 -13.45 -15.53 0.48
N THR A 56 -13.46 -14.31 -0.03
CA THR A 56 -14.17 -14.01 -1.27
C THR A 56 -13.60 -14.80 -2.44
N PRO A 57 -14.43 -15.11 -3.44
CA PRO A 57 -14.01 -15.87 -4.62
C PRO A 57 -13.27 -15.00 -5.64
N PHE A 58 -13.33 -13.69 -5.49
CA PHE A 58 -12.67 -12.77 -6.40
C PHE A 58 -11.22 -13.21 -6.66
N THR A 59 -10.59 -12.58 -7.64
CA THR A 59 -9.21 -12.89 -7.99
C THR A 59 -8.25 -11.87 -7.41
N ALA A 60 -6.96 -12.02 -7.73
CA ALA A 60 -5.94 -11.11 -7.24
C ALA A 60 -6.36 -9.66 -7.45
N ARG A 61 -6.78 -9.33 -8.67
CA ARG A 61 -7.21 -7.98 -8.99
C ARG A 61 -8.47 -7.60 -8.22
N GLY A 62 -9.45 -8.51 -8.22
CA GLY A 62 -10.69 -8.25 -7.51
C GLY A 62 -10.46 -7.83 -6.07
N ARG A 63 -9.73 -8.65 -5.33
CA ARG A 63 -9.44 -8.37 -3.92
C ARG A 63 -8.95 -6.93 -3.75
N PHE A 64 -7.92 -6.56 -4.50
CA PHE A 64 -7.35 -5.22 -4.43
C PHE A 64 -8.43 -4.16 -4.67
N ALA A 65 -9.35 -4.46 -5.59
CA ALA A 65 -10.43 -3.54 -5.91
C ALA A 65 -11.44 -3.45 -4.77
N THR A 66 -11.56 -4.54 -4.01
CA THR A 66 -12.48 -4.58 -2.88
C THR A 66 -11.88 -3.94 -1.64
N VAL A 67 -10.57 -4.11 -1.47
CA VAL A 67 -9.88 -3.56 -0.32
C VAL A 67 -9.72 -2.05 -0.44
N VAL A 68 -9.56 -1.57 -1.68
CA VAL A 68 -9.40 -0.14 -1.92
C VAL A 68 -10.73 0.59 -1.83
N GLU A 69 -11.81 -0.11 -2.19
CA GLU A 69 -13.14 0.48 -2.15
C GLU A 69 -13.60 0.69 -0.71
N GLU A 70 -13.39 -0.32 0.13
CA GLU A 70 -13.78 -0.25 1.53
C GLU A 70 -12.93 0.77 2.29
N LEU A 71 -11.63 0.76 2.02
CA LEU A 71 -10.71 1.69 2.67
C LEU A 71 -11.14 3.13 2.45
N PHE A 72 -11.19 3.54 1.19
CA PHE A 72 -11.59 4.90 0.84
C PHE A 72 -13.08 4.97 0.54
N ARG A 73 -13.90 4.56 1.50
CA ARG A 73 -15.35 4.57 1.34
C ARG A 73 -15.97 5.79 2.03
N ASP A 74 -15.47 6.11 3.21
CA ASP A 74 -15.97 7.25 3.97
C ASP A 74 -15.03 8.45 3.86
N GLY A 75 -14.35 8.55 2.72
CA GLY A 75 -13.43 9.64 2.51
C GLY A 75 -11.99 9.18 2.43
N VAL A 76 -11.05 10.12 2.55
CA VAL A 76 -9.64 9.79 2.50
C VAL A 76 -8.84 10.62 3.51
N ASN A 77 -7.67 10.11 3.89
CA ASN A 77 -6.82 10.78 4.86
C ASN A 77 -5.46 10.10 4.95
N TRP A 78 -4.44 10.85 5.37
CA TRP A 78 -3.09 10.30 5.50
C TRP A 78 -3.13 8.96 6.23
N GLY A 79 -4.10 8.80 7.12
CA GLY A 79 -4.21 7.55 7.86
C GLY A 79 -4.59 6.38 6.96
N ARG A 80 -5.70 6.52 6.25
CA ARG A 80 -6.17 5.48 5.35
C ARG A 80 -5.10 5.16 4.32
N ILE A 81 -4.40 6.20 3.85
CA ILE A 81 -3.34 6.03 2.87
C ILE A 81 -2.24 5.13 3.42
N VAL A 82 -1.88 5.34 4.68
CA VAL A 82 -0.84 4.54 5.31
C VAL A 82 -1.25 3.06 5.34
N ALA A 83 -2.55 2.81 5.38
CA ALA A 83 -3.07 1.45 5.40
C ALA A 83 -3.13 0.86 4.00
N PHE A 84 -3.46 1.70 3.02
CA PHE A 84 -3.55 1.27 1.63
C PHE A 84 -2.25 0.64 1.18
N PHE A 85 -1.14 1.33 1.46
CA PHE A 85 0.18 0.84 1.08
C PHE A 85 0.52 -0.45 1.83
N GLU A 86 0.01 -0.56 3.05
CA GLU A 86 0.25 -1.74 3.88
C GLU A 86 -0.34 -2.98 3.21
N PHE A 87 -1.61 -2.89 2.82
CA PHE A 87 -2.29 -3.99 2.16
C PHE A 87 -1.57 -4.39 0.89
N GLY A 88 -1.22 -3.39 0.07
CA GLY A 88 -0.53 -3.65 -1.17
C GLY A 88 0.69 -4.54 -0.98
N GLY A 89 1.53 -4.19 -0.01
CA GLY A 89 2.72 -4.97 0.26
C GLY A 89 2.40 -6.41 0.63
N VAL A 90 1.47 -6.58 1.57
CA VAL A 90 1.06 -7.91 2.00
C VAL A 90 0.58 -8.75 0.81
N MET A 91 -0.22 -8.13 -0.04
CA MET A 91 -0.75 -8.81 -1.23
C MET A 91 0.38 -9.45 -2.02
N CYS A 92 1.52 -8.76 -2.10
CA CYS A 92 2.67 -9.27 -2.83
C CYS A 92 3.35 -10.39 -2.06
N VAL A 93 3.45 -10.23 -0.75
CA VAL A 93 4.09 -11.24 0.10
C VAL A 93 3.41 -12.60 -0.07
N GLU A 94 2.09 -12.58 -0.22
CA GLU A 94 1.33 -13.81 -0.39
C GLU A 94 1.59 -14.43 -1.77
N SER A 95 1.63 -13.58 -2.79
CA SER A 95 1.88 -14.03 -4.15
C SER A 95 3.20 -14.79 -4.24
N VAL A 96 4.30 -14.10 -3.98
CA VAL A 96 5.63 -14.71 -4.02
C VAL A 96 5.68 -15.96 -3.17
N ASN A 97 4.90 -15.97 -2.08
CA ASN A 97 4.86 -17.11 -1.17
C ASN A 97 4.01 -18.23 -1.76
N ARG A 98 3.01 -17.86 -2.55
CA ARG A 98 2.12 -18.84 -3.18
C ARG A 98 2.55 -19.12 -4.61
N GLU A 99 3.85 -19.07 -4.86
CA GLU A 99 4.38 -19.32 -6.20
C GLU A 99 3.66 -18.47 -7.24
N MET A 100 3.61 -17.16 -7.00
CA MET A 100 2.96 -16.24 -7.91
C MET A 100 3.71 -14.91 -7.96
N SER A 101 5.04 -14.99 -7.98
CA SER A 101 5.87 -13.80 -8.05
C SER A 101 5.41 -12.84 -9.15
N PRO A 102 5.23 -13.35 -10.38
CA PRO A 102 4.78 -12.53 -11.51
C PRO A 102 3.65 -11.57 -11.14
N LEU A 103 2.78 -12.02 -10.25
CA LEU A 103 1.66 -11.20 -9.81
C LEU A 103 2.14 -9.89 -9.19
N VAL A 104 3.31 -9.95 -8.56
CA VAL A 104 3.90 -8.77 -7.92
C VAL A 104 3.88 -7.57 -8.88
N ASP A 105 4.13 -7.85 -10.15
CA ASP A 105 4.15 -6.79 -11.16
C ASP A 105 2.76 -6.20 -11.36
N ASN A 106 1.74 -7.05 -11.28
CA ASN A 106 0.37 -6.60 -11.44
C ASN A 106 -0.06 -5.69 -10.29
N ILE A 107 0.09 -6.19 -9.06
CA ILE A 107 -0.28 -5.43 -7.88
C ILE A 107 0.43 -4.08 -7.86
N ALA A 108 1.72 -4.08 -8.17
CA ALA A 108 2.50 -2.86 -8.20
C ALA A 108 1.96 -1.87 -9.23
N LEU A 109 1.44 -2.40 -10.33
CA LEU A 109 0.88 -1.57 -11.39
C LEU A 109 -0.42 -0.93 -10.94
N TRP A 110 -1.32 -1.73 -10.38
CA TRP A 110 -2.61 -1.23 -9.91
C TRP A 110 -2.42 -0.09 -8.92
N MET A 111 -1.64 -0.34 -7.87
CA MET A 111 -1.39 0.66 -6.85
C MET A 111 -0.92 1.97 -7.47
N THR A 112 -0.24 1.87 -8.61
CA THR A 112 0.26 3.04 -9.31
C THR A 112 -0.87 3.78 -10.01
N GLU A 113 -1.76 3.03 -10.64
CA GLU A 113 -2.89 3.62 -11.35
C GLU A 113 -3.81 4.35 -10.39
N TYR A 114 -4.34 3.61 -9.42
CA TYR A 114 -5.25 4.19 -8.42
C TYR A 114 -4.67 5.48 -7.85
N LEU A 115 -3.40 5.43 -7.44
CA LEU A 115 -2.75 6.59 -6.87
C LEU A 115 -2.71 7.75 -7.87
N ASN A 116 -2.70 7.43 -9.15
CA ASN A 116 -2.68 8.45 -10.19
C ASN A 116 -4.04 8.54 -10.90
N ARG A 117 -5.10 8.19 -10.18
CA ARG A 117 -6.44 8.23 -10.75
C ARG A 117 -7.50 8.10 -9.65
N HIS A 118 -7.19 8.62 -8.47
CA HIS A 118 -8.12 8.57 -7.34
C HIS A 118 -7.61 9.42 -6.18
N LEU A 119 -6.40 9.11 -5.71
CA LEU A 119 -5.80 9.85 -4.60
C LEU A 119 -4.85 10.93 -5.10
N HIS A 120 -4.89 11.24 -6.39
CA HIS A 120 -4.02 12.25 -6.97
C HIS A 120 -4.57 13.65 -6.69
N THR A 121 -5.89 13.75 -6.59
CA THR A 121 -6.53 15.04 -6.32
C THR A 121 -6.49 15.37 -4.84
N TRP A 122 -6.86 14.40 -4.00
CA TRP A 122 -6.85 14.59 -2.55
C TRP A 122 -5.46 14.94 -2.04
N ILE A 123 -4.50 14.09 -2.34
CA ILE A 123 -3.12 14.30 -1.92
C ILE A 123 -2.66 15.73 -2.20
N GLN A 124 -2.69 16.12 -3.47
CA GLN A 124 -2.28 17.46 -3.87
C GLN A 124 -3.05 18.52 -3.09
N ASP A 125 -4.27 18.19 -2.71
CA ASP A 125 -5.11 19.12 -1.95
C ASP A 125 -4.66 19.22 -0.50
N ASN A 126 -4.14 18.12 0.03
CA ASN A 126 -3.67 18.10 1.41
C ASN A 126 -2.16 18.35 1.48
N GLY A 127 -1.72 19.43 0.84
CA GLY A 127 -0.32 19.78 0.83
C GLY A 127 0.56 18.70 0.19
N GLY A 128 -0.06 17.79 -0.57
CA GLY A 128 0.69 16.74 -1.22
C GLY A 128 1.68 16.06 -0.28
N TRP A 129 2.65 15.37 -0.87
CA TRP A 129 3.66 14.68 -0.07
C TRP A 129 4.35 15.63 0.90
N ASP A 130 4.55 16.87 0.45
CA ASP A 130 5.20 17.88 1.27
C ASP A 130 4.62 17.91 2.68
N ALA A 131 3.31 17.78 2.78
CA ALA A 131 2.63 17.78 4.08
C ALA A 131 2.75 16.42 4.77
N PHE A 132 2.70 15.36 3.98
CA PHE A 132 2.80 14.01 4.51
C PHE A 132 4.08 13.83 5.34
N VAL A 133 5.18 14.33 4.81
CA VAL A 133 6.47 14.23 5.49
C VAL A 133 6.58 15.25 6.62
N GLU A 134 5.95 16.40 6.43
CA GLU A 134 5.98 17.47 7.43
C GLU A 134 5.31 17.01 8.72
N LEU A 135 4.28 16.18 8.59
CA LEU A 135 3.56 15.68 9.75
C LEU A 135 4.32 14.53 10.41
N TYR A 136 4.37 13.39 9.73
CA TYR A 136 5.07 12.22 10.26
C TYR A 136 6.35 11.97 9.48
N GLY A 137 7.32 12.88 9.63
CA GLY A 137 8.58 12.73 8.94
C GLY A 137 9.71 12.32 9.87
N PRO A 138 10.73 11.64 9.34
CA PRO A 138 11.88 11.18 10.13
C PRO A 138 12.51 12.31 10.95
C1 LI0 B . -7.32 -0.70 9.74
C2 LI0 B . -7.73 -0.94 8.29
C3 LI0 B . -7.61 0.40 7.58
C4 LI0 B . -8.40 1.48 8.32
N1 LI0 B . -7.92 1.66 9.64
C5 LI0 B . -8.14 0.45 10.34
C6 LI0 B . -7.32 2.86 10.17
C7 LI0 B . -7.17 3.99 9.34
C8 LI0 B . -6.31 4.04 12.04
C9 LI0 B . -6.89 2.87 11.52
C10 LI0 B . -5.55 6.37 11.81
O1 LI0 B . -5.17 6.40 12.97
N2 LI0 B . -5.41 7.44 10.99
S14 LI0 B . -4.74 8.81 11.56
C11 LI0 B . -3.00 8.54 11.68
C12 LI0 B . -2.21 8.45 10.53
C13 LI0 B . -0.83 8.24 10.65
C14 LI0 B . -0.22 8.12 11.94
C15 LI0 B . -1.04 8.22 13.09
C16 LI0 B . -2.42 8.43 12.96
O2 LI0 B . -5.27 9.04 12.86
O3 LI0 B . -4.98 9.78 10.54
N3 LI0 B . -0.03 8.14 9.41
O24 LI0 B . -0.66 8.25 8.37
O4 LI0 B . 1.18 7.96 9.49
N4 LI0 B . 1.21 7.90 12.06
C17 LI0 B . 2.04 7.71 13.27
C18 LI0 B . 1.62 6.49 14.11
S1 LI0 B . 1.64 4.89 13.25
C19 LI0 B . -0.29 4.84 11.29
C20 LI0 B . -0.03 4.80 12.68
C21 LI0 B . -1.08 4.69 13.61
C22 LI0 B . -2.41 4.61 13.15
C23 LI0 B . -2.66 4.65 11.76
C24 LI0 B . -1.61 4.77 10.83
C25 LI0 B . 2.01 9.01 14.13
C26 LI0 B . 3.49 7.51 12.80
C27 LI0 B . -6.59 5.16 9.87
C28 LI0 B . -6.16 5.18 11.21
O5 LI0 B . -9.18 -1.44 8.24
C29 LI0 B . -9.25 -2.78 8.74
C30 LI0 B . -6.81 -1.99 7.64
C31 LI0 B . -7.36 -1.93 3.33
C32 LI0 B . -6.11 -1.58 3.89
C33 LI0 B . -5.94 -1.60 5.27
C34 LI0 B . -7.01 -1.97 6.11
C35 LI0 B . -8.25 -2.32 5.55
C36 LI0 B . -8.42 -2.30 4.17
H11 LI0 B . -6.26 -0.39 9.75
H12A LI0 B . -7.45 -1.61 10.33
H31A LI0 B . -8.05 0.30 6.57
H32A LI0 B . -6.56 0.70 7.48
H41 LI0 B . -9.45 1.17 8.42
H42 LI0 B . -8.37 2.43 7.81
H51 LI0 B . -7.82 0.62 11.38
H52 LI0 B . -9.20 0.23 10.32
H7 LI0 B . -7.51 3.96 8.30
H8 LI0 B . -5.97 4.06 13.08
H9 LI0 B . -7.02 2.00 12.16
HN2 LI0 B . -5.73 7.39 10.01
H12 LI0 B . -2.67 8.53 9.54
H15 LI0 B . -0.60 8.13 14.08
H16 LI0 B . -3.05 8.51 13.84
HN4 LI0 B . 1.73 7.85 11.17
H181 LI0 B . 0.57 6.66 14.40
H182 LI0 B . 2.27 6.42 14.97
H19 LI0 B . 0.53 4.93 10.58
H21 LI0 B . -0.87 4.66 14.68
H22 LI0 B . -3.24 4.54 13.86
H23 LI0 B . -3.69 4.60 11.40
H24 LI0 B . -1.83 4.79 9.76
H251 LI0 B . 1.07 9.53 13.98
H252 LI0 B . 2.08 8.74 15.19
H253 LI0 B . 2.84 9.65 13.86
H261 LI0 B . 4.10 8.34 13.13
H262 LI0 B . 3.88 6.59 13.24
H263 LI0 B . 3.51 7.44 11.70
H27 LI0 B . -6.47 6.04 9.24
H291 LI0 B . -8.74 -3.45 8.05
H292 LI0 B . -8.74 -2.82 9.71
H293 LI0 B . -10.29 -3.09 8.85
H301 LI0 B . -7.04 -2.98 8.02
H302 LI0 B . -5.77 -1.74 7.88
H31 LI0 B . -7.49 -1.91 2.26
H32 LI0 B . -5.30 -1.30 3.24
H33 LI0 B . -4.98 -1.33 5.69
H35 LI0 B . -9.06 -2.60 6.20
H36 LI0 B . -9.37 -2.57 3.73
#